data_5KCX
#
_entry.id   5KCX
#
_cell.length_a   98.010
_cell.length_b   98.010
_cell.length_c   80.670
_cell.angle_alpha   90.00
_cell.angle_beta   90.00
_cell.angle_gamma   120.00
#
_symmetry.space_group_name_H-M   'P 65'
#
loop_
_entity.id
_entity.type
_entity.pdbx_description
1 polymer 'Serine/threonine-protein kinase pim-1'
2 non-polymer IMIDAZOLE
3 non-polymer 'ACETATE ION'
4 non-polymer 4-chloranyl-1-methyl-2-[4-(4-methylpiperazin-1-yl)phenyl]pyrrolo[2,3-b]pyridine-6-carboxamide
5 water water
#
_entity_poly.entity_id   1
_entity_poly.type   'polypeptide(L)'
_entity_poly.pdbx_seq_one_letter_code
;KEKEPLESQYQVGPLLGSGGFGSVYSGIRVSDNLPVAIKHVEKDRISDWGELPNGTRVPMEVVLLKKVSSGFSGVIRLLD
WFERPDSFVLILERPEPVQDLFDFITERGALQEELARSFFWQVLEAVRHCHNCGVLHRDIKDENILIDLNRGELKLIDFG
SGALLKDTVYTDFDGTRVYSPPEWIRYHRYHGRSAAVWSLGILLYDMVCGDIPFEHDEEIIRGQVFFRQRVSSECQHLIR
WCLALRPSDRPTFEEIQNHPWMQDVLLPQETAEIHLHSLSPGPSKHHHHHH
;
_entity_poly.pdbx_strand_id   A
#
loop_
_chem_comp.id
_chem_comp.type
_chem_comp.name
_chem_comp.formula
6S3 non-polymer 4-chloranyl-1-methyl-2-[4-(4-methylpiperazin-1-yl)phenyl]pyrrolo[2,3-b]pyridine-6-carboxamide 'C20 H22 Cl N5 O'
ACT non-polymer 'ACETATE ION' 'C2 H3 O2 -1'
IMD non-polymer IMIDAZOLE 'C3 H5 N2 1'
#
# COMPACT_ATOMS: atom_id res chain seq x y z
N LEU A 6 -0.84 27.99 6.31
CA LEU A 6 -1.19 26.82 5.47
C LEU A 6 -1.62 27.20 4.06
N GLU A 7 -2.66 28.01 3.95
CA GLU A 7 -3.20 28.38 2.65
C GLU A 7 -2.30 29.40 1.95
N SER A 8 -1.34 29.94 2.68
CA SER A 8 -0.35 30.85 2.11
C SER A 8 0.92 30.08 1.71
N GLN A 9 1.25 29.06 2.49
CA GLN A 9 2.45 28.26 2.20
C GLN A 9 2.31 27.44 0.94
N TYR A 10 1.09 26.98 0.64
CA TYR A 10 0.86 26.10 -0.49
C TYR A 10 -0.20 26.66 -1.44
N GLN A 11 0.05 26.54 -2.74
CA GLN A 11 -0.95 26.86 -3.74
C GLN A 11 -1.71 25.59 -4.10
N VAL A 12 -3.03 25.61 -3.94
CA VAL A 12 -3.84 24.42 -4.13
C VAL A 12 -4.30 24.26 -5.57
N GLY A 13 -4.19 23.04 -6.09
CA GLY A 13 -4.62 22.75 -7.44
C GLY A 13 -5.88 21.91 -7.45
N PRO A 14 -6.08 21.10 -8.51
CA PRO A 14 -7.25 20.25 -8.69
C PRO A 14 -7.40 19.22 -7.56
N LEU A 15 -8.63 18.81 -7.28
CA LEU A 15 -8.88 17.66 -6.44
C LEU A 15 -8.40 16.42 -7.19
N LEU A 16 -7.58 15.59 -6.54
CA LEU A 16 -7.06 14.39 -7.16
C LEU A 16 -8.00 13.22 -6.89
N GLY A 17 -8.61 13.21 -5.72
CA GLY A 17 -9.58 12.17 -5.41
C GLY A 17 -10.14 12.33 -4.01
N SER A 18 -11.23 11.62 -3.72
CA SER A 18 -11.79 11.61 -2.38
C SER A 18 -12.42 10.26 -2.06
N GLY A 19 -12.57 9.98 -0.78
CA GLY A 19 -13.14 8.71 -0.36
C GLY A 19 -12.87 8.43 1.10
N GLY A 20 -12.73 7.15 1.47
CA GLY A 20 -12.53 6.80 2.86
C GLY A 20 -11.26 7.40 3.42
N PHE A 21 -10.35 7.78 2.52
CA PHE A 21 -9.10 8.40 2.93
C PHE A 21 -9.23 9.92 3.08
N GLY A 22 -10.41 10.45 2.75
CA GLY A 22 -10.59 11.90 2.78
C GLY A 22 -10.59 12.52 1.39
N SER A 23 -10.09 13.76 1.30
CA SER A 23 -10.02 14.45 0.03
C SER A 23 -8.60 14.88 -0.25
N VAL A 24 -8.04 14.43 -1.37
CA VAL A 24 -6.65 14.71 -1.70
C VAL A 24 -6.54 15.68 -2.87
N TYR A 25 -5.80 16.77 -2.67
CA TYR A 25 -5.63 17.78 -3.72
C TYR A 25 -4.21 17.82 -4.24
N SER A 26 -4.07 18.11 -5.52
CA SER A 26 -2.76 18.42 -6.08
C SER A 26 -2.39 19.79 -5.56
N GLY A 27 -1.09 20.00 -5.34
CA GLY A 27 -0.64 21.25 -4.76
C GLY A 27 0.80 21.55 -5.09
N ILE A 28 1.21 22.78 -4.78
CA ILE A 28 2.59 23.19 -4.99
C ILE A 28 3.05 24.06 -3.83
N ARG A 29 4.08 23.60 -3.11
CA ARG A 29 4.64 24.40 -2.03
C ARG A 29 5.26 25.65 -2.63
N VAL A 30 4.83 26.81 -2.14
CA VAL A 30 5.22 28.08 -2.74
C VAL A 30 6.69 28.38 -2.47
N SER A 31 7.16 27.98 -1.29
CA SER A 31 8.54 28.17 -0.88
C SER A 31 9.54 27.89 -2.00
N ASP A 32 9.39 26.76 -2.66
CA ASP A 32 10.36 26.33 -3.66
C ASP A 32 9.71 25.67 -4.87
N ASN A 33 8.38 25.75 -4.94
CA ASN A 33 7.63 25.13 -6.04
C ASN A 33 7.65 23.60 -6.01
N LEU A 34 7.85 23.02 -4.83
CA LEU A 34 7.85 21.57 -4.70
C LEU A 34 6.44 21.03 -4.92
N PRO A 35 6.28 20.08 -5.85
CA PRO A 35 4.98 19.43 -6.01
C PRO A 35 4.56 18.72 -4.73
N VAL A 36 3.32 18.89 -4.32
CA VAL A 36 2.82 18.21 -3.12
C VAL A 36 1.41 17.68 -3.36
N ALA A 37 0.98 16.79 -2.47
CA ALA A 37 -0.43 16.42 -2.40
C ALA A 37 -0.93 16.86 -1.04
N ILE A 38 -2.12 17.46 -1.03
CA ILE A 38 -2.65 18.02 0.19
C ILE A 38 -3.91 17.27 0.55
N LYS A 39 -3.86 16.57 1.67
CA LYS A 39 -4.92 15.64 2.06
C LYS A 39 -5.66 16.15 3.29
N HIS A 40 -6.98 16.24 3.17
CA HIS A 40 -7.83 16.73 4.26
C HIS A 40 -8.63 15.58 4.86
N VAL A 41 -8.59 15.45 6.17
CA VAL A 41 -9.34 14.41 6.87
C VAL A 41 -10.21 15.01 7.96
N GLU A 42 -11.51 14.77 7.89
CA GLU A 42 -12.42 15.27 8.92
C GLU A 42 -12.23 14.50 10.22
N LYS A 43 -12.22 15.21 11.33
CA LYS A 43 -12.02 14.58 12.64
C LYS A 43 -13.13 13.59 12.96
N ASP A 44 -14.36 13.92 12.59
CA ASP A 44 -15.49 13.03 12.82
C ASP A 44 -15.27 11.69 12.11
N ARG A 45 -14.77 11.77 10.88
CA ARG A 45 -14.59 10.57 10.06
C ARG A 45 -13.33 9.78 10.41
N ILE A 46 -12.50 10.32 11.30
CA ILE A 46 -11.31 9.61 11.73
C ILE A 46 -11.66 8.47 12.69
N SER A 47 -11.16 7.28 12.41
CA SER A 47 -11.50 6.09 13.18
C SER A 47 -10.47 5.75 14.27
N ASP A 48 -9.21 5.70 13.88
CA ASP A 48 -8.13 5.35 14.81
C ASP A 48 -7.19 6.54 15.04
N TRP A 49 -7.00 6.90 16.30
CA TRP A 49 -6.13 8.00 16.66
C TRP A 49 -4.82 7.51 17.27
N GLY A 50 -3.80 8.37 17.22
CA GLY A 50 -2.53 8.03 17.83
C GLY A 50 -1.99 9.17 18.66
N GLU A 51 -0.80 9.00 19.21
CA GLU A 51 -0.16 10.06 19.98
C GLU A 51 1.25 10.31 19.50
N LEU A 52 1.64 11.58 19.47
CA LEU A 52 2.99 11.96 19.05
C LEU A 52 3.98 11.85 20.20
N PRO A 53 5.28 11.79 19.88
CA PRO A 53 6.29 11.64 20.93
C PRO A 53 6.20 12.76 21.97
N ASN A 54 5.54 13.86 21.60
CA ASN A 54 5.36 14.97 22.52
C ASN A 54 4.13 14.79 23.40
N GLY A 55 3.21 13.93 22.97
CA GLY A 55 2.04 13.64 23.76
C GLY A 55 0.75 14.15 23.16
N THR A 56 0.86 15.02 22.15
CA THR A 56 -0.30 15.54 21.45
C THR A 56 -1.01 14.41 20.69
N ARG A 57 -2.32 14.53 20.52
CA ARG A 57 -3.11 13.48 19.87
C ARG A 57 -3.42 13.82 18.42
N VAL A 58 -2.97 12.96 17.52
CA VAL A 58 -3.17 13.16 16.09
C VAL A 58 -3.78 11.89 15.49
N PRO A 59 -4.13 11.93 14.20
CA PRO A 59 -4.52 10.68 13.54
C PRO A 59 -3.36 9.69 13.49
N MET A 60 -3.66 8.41 13.66
CA MET A 60 -2.65 7.36 13.62
C MET A 60 -1.79 7.50 12.36
N GLU A 61 -2.46 7.82 11.25
CA GLU A 61 -1.79 8.00 9.98
C GLU A 61 -0.56 8.90 10.11
N VAL A 62 -0.67 9.98 10.87
CA VAL A 62 0.47 10.87 11.09
C VAL A 62 1.55 10.20 11.94
N VAL A 63 1.15 9.49 12.99
CA VAL A 63 2.12 8.76 13.78
C VAL A 63 2.90 7.80 12.90
N LEU A 64 2.17 7.04 12.08
CA LEU A 64 2.78 5.99 11.28
C LEU A 64 3.68 6.59 10.21
N LEU A 65 3.19 7.62 9.52
CA LEU A 65 3.98 8.26 8.48
C LEU A 65 5.27 8.84 9.03
N LYS A 66 5.22 9.37 10.25
CA LYS A 66 6.43 9.92 10.85
C LYS A 66 7.45 8.84 11.15
N LYS A 67 6.99 7.66 11.53
CA LYS A 67 7.91 6.57 11.86
C LYS A 67 8.62 6.01 10.62
N VAL A 68 7.99 6.17 9.45
CA VAL A 68 8.56 5.62 8.22
C VAL A 68 9.08 6.70 7.27
N SER A 69 8.74 7.96 7.54
CA SER A 69 9.05 9.04 6.60
C SER A 69 10.47 9.58 6.70
N SER A 70 11.31 8.93 7.48
CA SER A 70 12.71 9.32 7.54
C SER A 70 13.54 8.53 6.54
N GLY A 71 14.47 9.20 5.88
CA GLY A 71 15.30 8.54 4.89
C GLY A 71 14.59 8.40 3.55
N PHE A 72 15.14 7.55 2.69
CA PHE A 72 14.53 7.26 1.39
C PHE A 72 13.82 5.92 1.44
N SER A 73 12.74 5.79 0.67
CA SER A 73 12.12 4.49 0.48
C SER A 73 10.96 4.52 -0.51
N GLY A 74 10.25 3.41 -0.60
CA GLY A 74 9.09 3.33 -1.47
C GLY A 74 7.84 3.66 -0.69
N VAL A 75 7.96 4.61 0.22
CA VAL A 75 6.81 5.14 0.94
C VAL A 75 6.71 6.65 0.72
N ILE A 76 5.50 7.13 0.40
CA ILE A 76 5.30 8.57 0.28
C ILE A 76 5.65 9.24 1.60
N ARG A 77 6.35 10.36 1.52
CA ARG A 77 6.85 11.03 2.71
C ARG A 77 5.89 12.12 3.19
N LEU A 78 5.71 12.20 4.50
CA LEU A 78 4.95 13.29 5.09
C LEU A 78 5.87 14.50 5.24
N LEU A 79 5.50 15.61 4.63
CA LEU A 79 6.31 16.82 4.67
C LEU A 79 5.88 17.72 5.82
N ASP A 80 4.60 17.66 6.17
CA ASP A 80 4.05 18.55 7.19
C ASP A 80 2.59 18.20 7.45
N TRP A 81 2.08 18.62 8.60
CA TRP A 81 0.67 18.48 8.88
C TRP A 81 0.17 19.67 9.67
N PHE A 82 -1.12 19.94 9.57
CA PHE A 82 -1.75 21.05 10.27
C PHE A 82 -3.02 20.54 10.91
N GLU A 83 -3.39 21.12 12.05
CA GLU A 83 -4.71 20.84 12.61
C GLU A 83 -5.65 22.01 12.39
N ARG A 84 -6.89 21.71 12.04
CA ARG A 84 -7.93 22.71 11.93
C ARG A 84 -9.02 22.34 12.91
N PRO A 85 -9.97 23.25 13.14
CA PRO A 85 -10.96 22.97 14.18
C PRO A 85 -11.64 21.62 13.99
N ASP A 86 -11.92 21.27 12.74
CA ASP A 86 -12.71 20.07 12.48
C ASP A 86 -12.04 19.05 11.58
N SER A 87 -10.78 19.29 11.24
CA SER A 87 -10.05 18.39 10.36
C SER A 87 -8.54 18.47 10.57
N PHE A 88 -7.83 17.50 10.02
CA PHE A 88 -6.39 17.57 9.91
C PHE A 88 -6.01 17.65 8.43
N VAL A 89 -4.95 18.39 8.14
CA VAL A 89 -4.47 18.52 6.78
C VAL A 89 -3.04 17.98 6.71
N LEU A 90 -2.81 17.02 5.82
CA LEU A 90 -1.49 16.43 5.67
C LEU A 90 -0.86 16.91 4.37
N ILE A 91 0.43 17.25 4.44
CA ILE A 91 1.15 17.63 3.24
C ILE A 91 2.09 16.49 2.88
N LEU A 92 1.90 15.92 1.69
CA LEU A 92 2.65 14.74 1.28
C LEU A 92 3.45 15.04 0.01
N GLU A 93 4.60 14.39 -0.13
CA GLU A 93 5.40 14.55 -1.34
C GLU A 93 4.57 14.04 -2.51
N ARG A 94 4.70 14.66 -3.66
CA ARG A 94 3.99 14.21 -4.85
C ARG A 94 4.95 14.11 -6.04
N PRO A 95 5.23 12.89 -6.48
CA PRO A 95 5.94 12.67 -7.75
C PRO A 95 5.10 13.11 -8.95
N GLU A 96 5.76 13.50 -10.02
CA GLU A 96 5.07 13.98 -11.22
C GLU A 96 5.91 13.66 -12.46
N PRO A 97 5.30 13.00 -13.46
CA PRO A 97 3.93 12.52 -13.49
C PRO A 97 3.78 11.24 -12.66
N VAL A 98 2.56 10.95 -12.22
CA VAL A 98 2.30 9.78 -11.41
C VAL A 98 0.94 9.19 -11.77
N GLN A 99 0.79 7.88 -11.60
CA GLN A 99 -0.49 7.21 -11.80
C GLN A 99 -0.61 6.10 -10.77
N ASP A 100 -1.78 5.95 -10.14
CA ASP A 100 -1.89 4.90 -9.15
C ASP A 100 -2.03 3.56 -9.86
N LEU A 101 -1.58 2.50 -9.18
CA LEU A 101 -1.48 1.19 -9.82
C LEU A 101 -2.84 0.69 -10.28
N PHE A 102 -3.89 1.07 -9.56
CA PHE A 102 -5.23 0.61 -9.93
C PHE A 102 -5.63 1.15 -11.31
N ASP A 103 -5.43 2.44 -11.53
CA ASP A 103 -5.72 3.05 -12.83
C ASP A 103 -4.80 2.48 -13.89
N PHE A 104 -3.55 2.22 -13.51
CA PHE A 104 -2.57 1.67 -14.44
C PHE A 104 -3.01 0.31 -14.94
N ILE A 105 -3.55 -0.51 -14.04
CA ILE A 105 -4.02 -1.84 -14.39
C ILE A 105 -5.34 -1.77 -15.17
N THR A 106 -6.20 -0.81 -14.82
CA THR A 106 -7.39 -0.55 -15.61
C THR A 106 -7.02 -0.27 -17.07
N GLU A 107 -5.98 0.54 -17.26
CA GLU A 107 -5.58 0.94 -18.61
C GLU A 107 -4.99 -0.22 -19.40
N ARG A 108 -4.09 -0.97 -18.77
CA ARG A 108 -3.27 -1.90 -19.51
C ARG A 108 -3.63 -3.36 -19.31
N GLY A 109 -4.60 -3.62 -18.43
CA GLY A 109 -5.00 -4.99 -18.17
C GLY A 109 -3.93 -5.77 -17.42
N ALA A 110 -3.96 -7.08 -17.54
CA ALA A 110 -2.96 -7.91 -16.88
C ALA A 110 -1.56 -7.50 -17.33
N LEU A 111 -0.65 -7.39 -16.37
CA LEU A 111 0.70 -6.93 -16.63
C LEU A 111 1.64 -8.10 -17.00
N GLN A 112 2.57 -7.83 -17.91
CA GLN A 112 3.64 -8.80 -18.18
C GLN A 112 4.36 -9.16 -16.89
N GLU A 113 4.75 -10.43 -16.78
CA GLU A 113 5.37 -10.90 -15.55
C GLU A 113 6.64 -10.13 -15.18
N GLU A 114 7.43 -9.75 -16.17
CA GLU A 114 8.65 -8.99 -15.92
C GLU A 114 8.30 -7.67 -15.23
N LEU A 115 7.22 -7.04 -15.68
CA LEU A 115 6.78 -5.80 -15.09
C LEU A 115 6.13 -6.05 -13.72
N ALA A 116 5.36 -7.12 -13.62
CA ALA A 116 4.75 -7.45 -12.33
C ALA A 116 5.84 -7.75 -11.29
N ARG A 117 6.91 -8.42 -11.73
CA ARG A 117 8.02 -8.80 -10.86
C ARG A 117 8.67 -7.55 -10.27
N SER A 118 8.99 -6.59 -11.15
CA SER A 118 9.61 -5.34 -10.73
C SER A 118 8.74 -4.58 -9.76
N PHE A 119 7.46 -4.43 -10.10
CA PHE A 119 6.51 -3.74 -9.24
C PHE A 119 6.36 -4.45 -7.89
N PHE A 120 6.17 -5.77 -7.95
CA PHE A 120 5.92 -6.54 -6.73
C PHE A 120 7.14 -6.47 -5.83
N TRP A 121 8.33 -6.62 -6.41
CA TRP A 121 9.58 -6.53 -5.65
C TRP A 121 9.63 -5.22 -4.87
N GLN A 122 9.30 -4.11 -5.55
CA GLN A 122 9.34 -2.80 -4.90
C GLN A 122 8.30 -2.64 -3.81
N VAL A 123 7.13 -3.26 -4.00
CA VAL A 123 6.15 -3.27 -2.92
C VAL A 123 6.73 -4.01 -1.71
N LEU A 124 7.29 -5.19 -1.94
CA LEU A 124 7.92 -5.95 -0.85
C LEU A 124 8.96 -5.11 -0.10
N GLU A 125 9.83 -4.42 -0.83
CA GLU A 125 10.87 -3.62 -0.18
C GLU A 125 10.25 -2.52 0.67
N ALA A 126 9.12 -2.00 0.20
CA ALA A 126 8.44 -0.91 0.91
C ALA A 126 7.72 -1.41 2.15
N VAL A 127 7.11 -2.59 2.05
CA VAL A 127 6.45 -3.18 3.20
C VAL A 127 7.46 -3.60 4.26
N ARG A 128 8.62 -4.12 3.83
CA ARG A 128 9.68 -4.47 4.78
C ARG A 128 10.16 -3.23 5.53
N HIS A 129 10.34 -2.14 4.80
CA HIS A 129 10.73 -0.88 5.44
C HIS A 129 9.72 -0.47 6.51
N CYS A 130 8.44 -0.51 6.18
CA CYS A 130 7.41 -0.16 7.17
C CYS A 130 7.51 -1.06 8.40
N HIS A 131 7.60 -2.37 8.19
CA HIS A 131 7.70 -3.30 9.29
C HIS A 131 8.96 -3.06 10.12
N ASN A 132 10.08 -2.79 9.47
N ASN A 132 10.07 -2.77 9.45
CA ASN A 132 11.30 -2.50 10.20
CA ASN A 132 11.32 -2.49 10.13
C ASN A 132 11.11 -1.28 11.09
C ASN A 132 11.22 -1.23 11.00
N CYS A 133 10.28 -0.34 10.64
CA CYS A 133 10.04 0.88 11.39
C CYS A 133 8.91 0.72 12.41
N GLY A 134 8.40 -0.51 12.53
CA GLY A 134 7.37 -0.78 13.51
C GLY A 134 5.98 -0.40 13.06
N VAL A 135 5.78 -0.32 11.75
CA VAL A 135 4.48 0.07 11.18
C VAL A 135 3.85 -1.02 10.33
N LEU A 136 2.56 -1.25 10.54
CA LEU A 136 1.79 -2.22 9.76
C LEU A 136 0.76 -1.44 8.95
N HIS A 137 0.80 -1.57 7.63
CA HIS A 137 -0.03 -0.74 6.75
C HIS A 137 -1.50 -1.12 6.79
N ARG A 138 -1.78 -2.42 6.65
CA ARG A 138 -3.12 -2.99 6.78
C ARG A 138 -4.09 -2.76 5.62
N ASP A 139 -3.65 -2.10 4.57
CA ASP A 139 -4.54 -1.86 3.44
C ASP A 139 -3.74 -1.88 2.13
N ILE A 140 -2.81 -2.83 2.04
CA ILE A 140 -1.99 -2.96 0.84
C ILE A 140 -2.89 -3.39 -0.32
N LYS A 141 -2.92 -2.60 -1.38
CA LYS A 141 -3.71 -2.91 -2.58
C LYS A 141 -3.31 -1.95 -3.69
N ASP A 142 -3.73 -2.21 -4.92
CA ASP A 142 -3.25 -1.40 -6.04
C ASP A 142 -3.69 0.06 -5.96
N GLU A 143 -4.84 0.32 -5.34
CA GLU A 143 -5.31 1.68 -5.11
C GLU A 143 -4.38 2.47 -4.20
N ASN A 144 -3.60 1.77 -3.38
CA ASN A 144 -2.76 2.45 -2.41
C ASN A 144 -1.29 2.41 -2.80
N ILE A 145 -1.05 2.30 -4.10
CA ILE A 145 0.29 2.33 -4.65
C ILE A 145 0.37 3.34 -5.80
N LEU A 146 1.34 4.25 -5.74
CA LEU A 146 1.55 5.21 -6.82
C LEU A 146 2.75 4.82 -7.66
N ILE A 147 2.64 5.04 -8.96
CA ILE A 147 3.78 4.80 -9.86
C ILE A 147 4.38 6.13 -10.31
N ASP A 148 5.63 6.37 -9.94
CA ASP A 148 6.39 7.48 -10.49
C ASP A 148 6.78 7.06 -11.91
N LEU A 149 6.09 7.61 -12.89
CA LEU A 149 6.20 7.11 -14.25
C LEU A 149 7.55 7.40 -14.92
N ASN A 150 8.26 8.41 -14.45
CA ASN A 150 9.57 8.73 -15.04
C ASN A 150 10.68 7.87 -14.47
N ARG A 151 10.61 7.60 -13.17
CA ARG A 151 11.70 6.86 -12.52
C ARG A 151 11.39 5.36 -12.38
N GLY A 152 10.13 5.00 -12.60
CA GLY A 152 9.73 3.60 -12.48
C GLY A 152 9.70 3.15 -11.04
N GLU A 153 9.54 4.10 -10.12
CA GLU A 153 9.54 3.79 -8.70
C GLU A 153 8.12 3.80 -8.16
N LEU A 154 7.79 2.78 -7.35
CA LEU A 154 6.47 2.67 -6.74
C LEU A 154 6.48 3.26 -5.34
N LYS A 155 5.35 3.80 -4.92
CA LYS A 155 5.26 4.42 -3.60
C LYS A 155 3.96 4.06 -2.88
N LEU A 156 4.10 3.64 -1.63
CA LEU A 156 2.97 3.20 -0.81
C LEU A 156 2.26 4.43 -0.21
N ILE A 157 0.93 4.46 -0.27
CA ILE A 157 0.19 5.58 0.30
C ILE A 157 -0.98 5.14 1.17
N ASP A 158 -1.53 6.11 1.90
N ASP A 158 -1.52 6.11 1.91
CA ASP A 158 -2.71 5.92 2.73
CA ASP A 158 -2.72 5.94 2.73
C ASP A 158 -2.49 4.91 3.85
C ASP A 158 -2.54 4.94 3.86
N PHE A 159 -1.85 5.37 4.92
CA PHE A 159 -1.63 4.56 6.11
C PHE A 159 -2.77 4.72 7.11
N GLY A 160 -3.90 5.24 6.65
CA GLY A 160 -4.98 5.57 7.56
C GLY A 160 -5.72 4.39 8.16
N SER A 161 -5.41 3.18 7.70
CA SER A 161 -6.00 1.98 8.28
C SER A 161 -4.94 1.19 9.04
N GLY A 162 -3.76 1.77 9.19
CA GLY A 162 -2.64 1.04 9.74
C GLY A 162 -2.59 0.98 11.26
N ALA A 163 -1.52 0.41 11.78
CA ALA A 163 -1.35 0.28 13.22
C ALA A 163 0.13 0.10 13.50
N LEU A 164 0.52 0.25 14.75
CA LEU A 164 1.87 -0.10 15.17
C LEU A 164 2.00 -1.61 15.02
N LEU A 165 3.15 -2.07 14.56
CA LEU A 165 3.37 -3.50 14.41
C LEU A 165 3.49 -4.12 15.80
N LYS A 166 2.83 -5.26 16.00
CA LYS A 166 2.96 -6.02 17.24
C LYS A 166 2.96 -7.51 16.95
N ASP A 167 3.38 -8.31 17.94
CA ASP A 167 3.53 -9.76 17.78
C ASP A 167 2.33 -10.52 18.34
N THR A 168 1.44 -9.79 19.00
CA THR A 168 0.21 -10.38 19.52
C THR A 168 -0.89 -10.22 18.48
N VAL A 169 -2.06 -10.81 18.77
CA VAL A 169 -3.11 -10.88 17.78
C VAL A 169 -3.82 -9.54 17.59
N TYR A 170 -4.23 -9.25 16.37
CA TYR A 170 -5.09 -8.09 16.09
C TYR A 170 -6.54 -8.57 16.04
N THR A 171 -7.44 -7.78 16.61
CA THR A 171 -8.86 -8.10 16.61
C THR A 171 -9.68 -6.96 16.01
N ASP A 172 -8.99 -5.93 15.53
CA ASP A 172 -9.65 -4.86 14.80
C ASP A 172 -9.14 -4.83 13.36
N PHE A 173 -9.99 -4.41 12.43
CA PHE A 173 -9.58 -4.24 11.04
C PHE A 173 -10.53 -3.29 10.30
N ASP A 174 -9.96 -2.34 9.58
N ASP A 174 -9.95 -2.34 9.59
CA ASP A 174 -10.75 -1.36 8.84
CA ASP A 174 -10.73 -1.36 8.85
C ASP A 174 -10.28 -1.22 7.40
C ASP A 174 -10.10 -1.13 7.48
N GLY A 175 -9.47 -2.17 6.94
CA GLY A 175 -8.95 -2.09 5.58
C GLY A 175 -9.93 -2.63 4.56
N THR A 176 -9.43 -3.02 3.40
CA THR A 176 -10.29 -3.51 2.32
C THR A 176 -10.57 -5.00 2.46
N ARG A 177 -11.85 -5.37 2.56
CA ARG A 177 -12.24 -6.73 2.90
C ARG A 177 -11.73 -7.78 1.90
N VAL A 178 -11.88 -7.51 0.60
CA VAL A 178 -11.48 -8.48 -0.40
C VAL A 178 -9.98 -8.73 -0.42
N TYR A 179 -9.23 -7.93 0.32
CA TYR A 179 -7.80 -8.17 0.51
C TYR A 179 -7.50 -8.78 1.87
N SER A 180 -8.52 -8.95 2.70
CA SER A 180 -8.34 -9.39 4.07
C SER A 180 -8.32 -10.93 4.14
N PRO A 181 -7.54 -11.49 5.07
CA PRO A 181 -7.31 -12.94 5.16
C PRO A 181 -8.52 -13.69 5.70
N PRO A 182 -8.57 -14.99 5.42
CA PRO A 182 -9.70 -15.83 5.86
C PRO A 182 -9.83 -15.90 7.38
N GLU A 183 -8.71 -15.80 8.10
CA GLU A 183 -8.77 -15.84 9.56
C GLU A 183 -9.46 -14.61 10.10
N TRP A 184 -9.38 -13.49 9.38
CA TRP A 184 -10.12 -12.30 9.78
C TRP A 184 -11.61 -12.48 9.49
N ILE A 185 -11.92 -13.03 8.31
CA ILE A 185 -13.30 -13.23 7.90
C ILE A 185 -14.03 -14.15 8.89
N ARG A 186 -13.36 -15.22 9.31
CA ARG A 186 -14.00 -16.24 10.11
C ARG A 186 -13.92 -15.96 11.62
N TYR A 187 -12.79 -15.42 12.08
CA TYR A 187 -12.54 -15.34 13.51
C TYR A 187 -12.33 -13.91 13.98
N HIS A 188 -12.20 -12.98 13.04
CA HIS A 188 -11.88 -11.62 13.40
C HIS A 188 -10.60 -11.55 14.23
N ARG A 189 -9.67 -12.45 13.93
CA ARG A 189 -8.34 -12.42 14.51
C ARG A 189 -7.33 -12.63 13.39
N TYR A 190 -6.22 -11.89 13.45
CA TYR A 190 -5.10 -12.15 12.55
C TYR A 190 -3.84 -11.62 13.19
N HIS A 191 -2.70 -12.02 12.66
CA HIS A 191 -1.43 -11.46 13.07
C HIS A 191 -0.88 -10.61 11.93
N GLY A 192 0.01 -9.68 12.26
CA GLY A 192 0.39 -8.64 11.31
C GLY A 192 1.03 -9.14 10.02
N ARG A 193 2.12 -9.88 10.18
N ARG A 193 2.15 -9.84 10.16
CA ARG A 193 2.96 -10.24 9.04
CA ARG A 193 2.92 -10.22 8.97
C ARG A 193 2.27 -11.22 8.08
C ARG A 193 2.12 -11.14 8.06
N SER A 194 1.56 -12.21 8.62
CA SER A 194 0.87 -13.17 7.77
C SER A 194 -0.37 -12.56 7.11
N ALA A 195 -1.04 -11.63 7.79
CA ALA A 195 -2.16 -10.94 7.16
C ALA A 195 -1.61 -10.14 5.98
N ALA A 196 -0.46 -9.51 6.19
CA ALA A 196 0.15 -8.68 5.16
C ALA A 196 0.53 -9.54 3.95
N VAL A 197 1.08 -10.71 4.20
CA VAL A 197 1.50 -11.60 3.12
C VAL A 197 0.30 -12.06 2.29
N TRP A 198 -0.81 -12.38 2.94
CA TRP A 198 -2.04 -12.71 2.22
C TRP A 198 -2.42 -11.58 1.26
N SER A 199 -2.40 -10.34 1.74
CA SER A 199 -2.80 -9.23 0.89
C SER A 199 -1.79 -9.03 -0.25
N LEU A 200 -0.54 -9.42 -0.03
CA LEU A 200 0.44 -9.34 -1.12
C LEU A 200 0.14 -10.42 -2.16
N GLY A 201 -0.34 -11.58 -1.72
CA GLY A 201 -0.82 -12.59 -2.66
C GLY A 201 -1.97 -12.08 -3.52
N ILE A 202 -2.93 -11.40 -2.91
CA ILE A 202 -4.05 -10.84 -3.65
C ILE A 202 -3.51 -9.83 -4.67
N LEU A 203 -2.61 -8.98 -4.21
CA LEU A 203 -2.06 -7.93 -5.05
C LEU A 203 -1.31 -8.52 -6.24
N LEU A 204 -0.46 -9.51 -5.99
CA LEU A 204 0.32 -10.10 -7.07
C LEU A 204 -0.63 -10.75 -8.09
N TYR A 205 -1.63 -11.49 -7.60
CA TYR A 205 -2.63 -12.06 -8.49
C TYR A 205 -3.26 -10.94 -9.31
N ASP A 206 -3.63 -9.85 -8.64
CA ASP A 206 -4.24 -8.71 -9.31
C ASP A 206 -3.37 -8.17 -10.45
N MET A 207 -2.06 -8.17 -10.25
CA MET A 207 -1.15 -7.65 -11.26
C MET A 207 -1.05 -8.54 -12.47
N VAL A 208 -0.91 -9.85 -12.27
CA VAL A 208 -0.67 -10.73 -13.40
C VAL A 208 -1.97 -11.21 -14.06
N CYS A 209 -3.10 -11.01 -13.39
CA CYS A 209 -4.40 -11.39 -13.97
C CYS A 209 -5.27 -10.20 -14.34
N GLY A 210 -4.96 -9.03 -13.79
CA GLY A 210 -5.72 -7.83 -14.15
C GLY A 210 -6.94 -7.61 -13.28
N ASP A 211 -7.15 -8.48 -12.31
CA ASP A 211 -8.22 -8.30 -11.33
C ASP A 211 -7.94 -9.18 -10.12
N ILE A 212 -8.66 -8.93 -9.03
CA ILE A 212 -8.46 -9.67 -7.81
C ILE A 212 -9.11 -11.07 -7.91
N PRO A 213 -8.60 -12.04 -7.15
CA PRO A 213 -9.07 -13.42 -7.28
C PRO A 213 -10.42 -13.67 -6.62
N PHE A 214 -10.69 -12.98 -5.51
CA PHE A 214 -11.90 -13.22 -4.73
C PHE A 214 -12.77 -11.98 -4.61
N GLU A 215 -14.07 -12.16 -4.72
CA GLU A 215 -15.02 -11.08 -4.47
C GLU A 215 -15.87 -11.31 -3.22
N HIS A 216 -16.04 -12.58 -2.84
CA HIS A 216 -16.96 -12.90 -1.75
C HIS A 216 -16.31 -13.64 -0.58
N ASP A 217 -16.84 -13.39 0.62
CA ASP A 217 -16.36 -14.07 1.82
C ASP A 217 -16.15 -15.55 1.57
N GLU A 218 -17.10 -16.16 0.89
CA GLU A 218 -17.10 -17.60 0.64
C GLU A 218 -15.87 -18.02 -0.16
N GLU A 219 -15.46 -17.17 -1.10
CA GLU A 219 -14.31 -17.47 -1.93
C GLU A 219 -13.03 -17.32 -1.13
N ILE A 220 -12.96 -16.27 -0.32
CA ILE A 220 -11.79 -16.01 0.50
C ILE A 220 -11.54 -17.20 1.42
N ILE A 221 -12.60 -17.65 2.09
CA ILE A 221 -12.52 -18.75 3.05
C ILE A 221 -12.15 -20.07 2.40
N ARG A 222 -12.61 -20.30 1.17
CA ARG A 222 -12.25 -21.52 0.46
C ARG A 222 -10.80 -21.45 -0.01
N GLY A 223 -10.38 -20.24 -0.41
CA GLY A 223 -8.98 -20.02 -0.74
C GLY A 223 -8.51 -20.77 -1.98
N GLN A 224 -9.45 -21.16 -2.85
CA GLN A 224 -9.09 -21.82 -4.10
C GLN A 224 -8.82 -20.78 -5.17
N VAL A 225 -7.64 -20.86 -5.77
CA VAL A 225 -7.20 -19.86 -6.75
C VAL A 225 -7.38 -20.38 -8.17
N PHE A 226 -8.15 -19.67 -8.98
CA PHE A 226 -8.27 -20.01 -10.40
C PHE A 226 -7.59 -18.94 -11.26
N PHE A 227 -6.78 -19.36 -12.21
CA PHE A 227 -6.12 -18.40 -13.08
C PHE A 227 -6.82 -18.24 -14.43
N ARG A 228 -7.19 -17.00 -14.71
CA ARG A 228 -7.97 -16.67 -15.90
C ARG A 228 -7.05 -16.18 -17.03
N GLN A 229 -5.78 -15.97 -16.70
CA GLN A 229 -4.77 -15.56 -17.67
C GLN A 229 -3.62 -16.55 -17.66
N ARG A 230 -2.86 -16.61 -18.75
CA ARG A 230 -1.68 -17.44 -18.77
C ARG A 230 -0.70 -16.84 -17.78
N VAL A 231 -0.33 -17.63 -16.77
CA VAL A 231 0.65 -17.22 -15.77
C VAL A 231 1.63 -18.36 -15.55
N SER A 232 2.92 -18.05 -15.48
CA SER A 232 3.95 -19.07 -15.32
C SER A 232 3.70 -19.89 -14.06
N SER A 233 4.15 -21.13 -14.07
CA SER A 233 3.96 -22.02 -12.93
C SER A 233 4.64 -21.47 -11.67
N GLU A 234 5.77 -20.79 -11.83
CA GLU A 234 6.48 -20.26 -10.67
C GLU A 234 5.72 -19.13 -10.01
N CYS A 235 5.11 -18.27 -10.83
CA CYS A 235 4.27 -17.20 -10.32
C CYS A 235 3.00 -17.75 -9.67
N GLN A 236 2.36 -18.71 -10.31
CA GLN A 236 1.20 -19.38 -9.71
C GLN A 236 1.58 -19.98 -8.37
N HIS A 237 2.76 -20.58 -8.30
CA HIS A 237 3.19 -21.19 -7.05
C HIS A 237 3.37 -20.15 -5.95
N LEU A 238 4.02 -19.03 -6.27
CA LEU A 238 4.25 -17.98 -5.27
C LEU A 238 2.92 -17.44 -4.77
N ILE A 239 2.01 -17.17 -5.70
CA ILE A 239 0.70 -16.64 -5.34
C ILE A 239 -0.04 -17.58 -4.39
N ARG A 240 -0.08 -18.87 -4.72
CA ARG A 240 -0.82 -19.81 -3.90
C ARG A 240 -0.17 -20.00 -2.54
N TRP A 241 1.15 -19.85 -2.49
CA TRP A 241 1.88 -19.88 -1.23
C TRP A 241 1.47 -18.70 -0.34
N CYS A 242 1.47 -17.50 -0.90
CA CYS A 242 1.02 -16.32 -0.17
C CYS A 242 -0.43 -16.46 0.29
N LEU A 243 -1.23 -17.20 -0.48
CA LEU A 243 -2.64 -17.35 -0.18
C LEU A 243 -2.96 -18.65 0.57
N ALA A 244 -1.98 -19.17 1.29
CA ALA A 244 -2.19 -20.35 2.13
C ALA A 244 -3.26 -20.04 3.17
N LEU A 245 -4.18 -20.98 3.37
CA LEU A 245 -5.30 -20.78 4.28
C LEU A 245 -4.82 -20.66 5.73
N ARG A 246 -3.89 -21.51 6.14
CA ARG A 246 -3.30 -21.39 7.47
C ARG A 246 -2.21 -20.34 7.45
N PRO A 247 -2.31 -19.32 8.33
CA PRO A 247 -1.36 -18.20 8.37
C PRO A 247 0.10 -18.67 8.44
N SER A 248 0.36 -19.70 9.23
CA SER A 248 1.72 -20.16 9.42
C SER A 248 2.27 -20.90 8.20
N ASP A 249 1.40 -21.28 7.27
CA ASP A 249 1.86 -21.87 6.02
C ASP A 249 2.30 -20.83 4.98
N ARG A 250 2.11 -19.55 5.29
CA ARG A 250 2.50 -18.49 4.36
C ARG A 250 3.99 -18.17 4.45
N PRO A 251 4.57 -17.71 3.33
CA PRO A 251 6.00 -17.33 3.30
C PRO A 251 6.29 -16.10 4.15
N THR A 252 7.49 -16.04 4.70
CA THR A 252 8.04 -14.81 5.26
C THR A 252 8.44 -13.92 4.09
N PHE A 253 8.74 -12.64 4.36
CA PHE A 253 9.18 -11.73 3.30
C PHE A 253 10.44 -12.27 2.64
N GLU A 254 11.31 -12.87 3.45
CA GLU A 254 12.57 -13.38 2.94
C GLU A 254 12.31 -14.52 1.96
N GLU A 255 11.37 -15.38 2.31
CA GLU A 255 11.00 -16.49 1.45
C GLU A 255 10.36 -16.04 0.14
N ILE A 256 9.58 -14.97 0.21
CA ILE A 256 8.99 -14.40 -1.00
C ILE A 256 10.10 -13.91 -1.94
N GLN A 257 11.03 -13.12 -1.41
CA GLN A 257 12.06 -12.51 -2.22
C GLN A 257 13.15 -13.49 -2.66
N ASN A 258 13.23 -14.64 -2.00
CA ASN A 258 14.14 -15.69 -2.41
C ASN A 258 13.46 -16.70 -3.34
N HIS A 259 12.16 -16.52 -3.58
CA HIS A 259 11.44 -17.43 -4.44
C HIS A 259 12.00 -17.36 -5.87
N PRO A 260 11.97 -18.47 -6.61
CA PRO A 260 12.51 -18.49 -7.97
C PRO A 260 11.89 -17.44 -8.90
N TRP A 261 10.59 -17.18 -8.73
CA TRP A 261 9.94 -16.21 -9.60
C TRP A 261 10.46 -14.79 -9.37
N MET A 262 11.02 -14.53 -8.19
CA MET A 262 11.47 -13.19 -7.85
C MET A 262 12.90 -12.86 -8.25
N GLN A 263 13.58 -13.80 -8.91
CA GLN A 263 14.98 -13.59 -9.27
C GLN A 263 15.15 -12.69 -10.50
N ASP A 264 16.27 -11.97 -10.56
CA ASP A 264 16.63 -11.14 -11.71
C ASP A 264 15.64 -10.00 -11.97
N VAL A 265 15.27 -9.28 -10.91
CA VAL A 265 14.34 -8.17 -11.07
C VAL A 265 15.01 -7.02 -11.81
N LEU A 266 14.24 -6.30 -12.61
CA LEU A 266 14.73 -5.08 -13.24
C LEU A 266 14.91 -4.00 -12.19
N LEU A 267 15.87 -3.11 -12.42
CA LEU A 267 15.98 -1.86 -11.67
C LEU A 267 14.81 -0.96 -12.08
N PRO A 268 14.41 -0.03 -11.20
CA PRO A 268 13.27 0.83 -11.50
C PRO A 268 13.44 1.58 -12.82
N GLN A 269 14.60 2.17 -13.05
CA GLN A 269 14.83 2.95 -14.25
C GLN A 269 14.75 2.08 -15.51
N GLU A 270 15.29 0.86 -15.44
CA GLU A 270 15.11 -0.11 -16.52
C GLU A 270 13.62 -0.32 -16.75
N THR A 271 12.88 -0.48 -15.66
CA THR A 271 11.45 -0.75 -15.72
C THR A 271 10.72 0.35 -16.46
N ALA A 272 11.03 1.59 -16.12
CA ALA A 272 10.36 2.72 -16.74
C ALA A 272 10.72 2.75 -18.24
N GLU A 273 12.00 2.56 -18.54
CA GLU A 273 12.44 2.63 -19.92
C GLU A 273 11.76 1.58 -20.78
N ILE A 274 11.66 0.36 -20.27
CA ILE A 274 11.09 -0.74 -21.04
C ILE A 274 9.57 -0.73 -21.08
N HIS A 275 8.94 -0.38 -19.97
CA HIS A 275 7.51 -0.63 -19.81
C HIS A 275 6.66 0.62 -19.67
N LEU A 276 7.27 1.72 -19.23
CA LEU A 276 6.52 2.95 -19.02
C LEU A 276 6.98 4.01 -20.02
N HIS A 277 7.88 3.62 -20.91
CA HIS A 277 8.50 4.50 -21.89
C HIS A 277 8.65 5.93 -21.39
N1 IMD B . -7.56 -2.98 -10.79
C2 IMD B . -8.28 -4.09 -10.78
N3 IMD B . -9.11 -4.09 -11.82
C4 IMD B . -8.90 -2.94 -12.51
C5 IMD B . -7.93 -2.25 -11.88
C ACT C . 2.24 -14.14 11.82
O ACT C . 1.41 -14.97 11.45
OXT ACT C . 2.13 -12.97 11.49
CH3 ACT C . 3.38 -14.56 12.69
CAT 6S3 D . -2.49 11.31 -12.53
CAU 6S3 D . -3.62 11.66 -13.47
NAV 6S3 D . -3.41 12.98 -14.10
CAY 6S3 D . -4.51 13.28 -15.01
CAW 6S3 D . -3.33 14.01 -13.05
CAX 6S3 D . -2.18 13.73 -12.10
NAS 6S3 D . -2.28 12.37 -11.53
CAP 6S3 D . -2.19 12.13 -10.21
CAO 6S3 D . -1.44 12.97 -9.39
CAN 6S3 D . -1.35 12.71 -8.03
CAQ 6S3 D . -2.85 11.04 -9.66
CAR 6S3 D . -2.76 10.77 -8.30
CAM 6S3 D . -2.01 11.62 -7.49
CAH 6S3 D . -1.92 11.34 -6.03
CAI 6S3 D . -0.82 11.54 -5.30
CAE 6S3 D . -1.14 11.17 -4.05
CAD 6S3 D . -0.43 11.18 -2.93
CLAK 6S3 D . 1.21 11.72 -2.95
CAA 6S3 D . -1.00 10.74 -1.75
CAB 6S3 D . -2.31 10.32 -1.76
CAJ 6S3 D . -2.97 9.83 -0.50
OBA 6S3 D . -2.44 9.99 0.59
NAZ 6S3 D . -4.15 9.25 -0.67
NAC 6S3 D . -2.99 10.34 -2.91
CAF 6S3 D . -2.42 10.76 -4.04
NAG 6S3 D . -2.89 10.87 -5.28
CAL 6S3 D . -4.26 10.51 -5.73
#